data_7ONN
#
_entry.id   7ONN
#
_cell.length_a   110.383
_cell.length_b   110.383
_cell.length_c   142.070
_cell.angle_alpha   90.000
_cell.angle_beta   90.000
_cell.angle_gamma   120.000
#
_symmetry.space_group_name_H-M   'P 62 2 2'
#
loop_
_entity.id
_entity.type
_entity.pdbx_description
1 polymer 'Peptidoglycan D,D-transpeptidase FtsI'
2 non-polymer '(2S)-2-[(Z)-[1-(2-azanyl-1,3-thiazol-4-yl)-2-[[(2S)-3-methyl-1-oxidanylidene-3-(sulfooxyamino)butan-2-yl]amino]-2-oxidanylidene-ethylidene]amino]oxy-3-[4-[N-[(3R)-piperidin-3-yl]carbamimidoyl]phenoxy]propanoic acid'
3 non-polymer 'DODECAETHYLENE GLYCOL'
4 water water
#
_entity_poly.entity_id   1
_entity_poly.type   'polypeptide(L)'
_entity_poly.pdbx_seq_one_letter_code
;STSRGMITDRSGRPLAVSVPVGGGESRRYYPSGEVTAHLIGFTNVDSQGIEGVEKSFDKWLTGQGGGAAHNLALSIDERL
QALVYRELNNAVAFNKAESGSAVLVDVNTGEVLAMANSPSYNPNNLSGTPKEAMRNRTITDVFEPGSTVKPMVVMTALQR
GVVRENSVLNTIPYRINGHEIKDVARYSELTLTGVLQKSSNVGVSKLALAMPSSALVDTYSRFGLGKATNLGLVGERSGL
YPQKQRWSDIERATFSFGYGLMVTPLQLARVYATIGSYGIYRPLSITKVDPPVPGERVFPESIVRTVVHMMESVALPGGG
GVKAAIKGYRIAIKTGTAKKVGPDGRYINKYIAYTAGVAPASQPRFALVVVINDPQAGKYYGGAVSAPVFGAIMGGVLRT
MNIEPDALTT
;
_entity_poly.pdbx_strand_id   A
#
loop_
_chem_comp.id
_chem_comp.type
_chem_comp.name
_chem_comp.formula
12P non-polymer 'DODECAETHYLENE GLYCOL' 'C24 H50 O13'
VL5 non-polymer '(2S)-2-[(Z)-[1-(2-azanyl-1,3-thiazol-4-yl)-2-[[(2S)-3-methyl-1-oxidanylidene-3-(sulfooxyamino)butan-2-yl]amino]-2-oxidanylidene-ethylidene]amino]oxy-3-[4-[N-[(3R)-piperidin-3-yl]carbamimidoyl]phenoxy]propanoic acid' 'C25 H34 N8 O10 S2'
#
# COMPACT_ATOMS: atom_id res chain seq x y z
N SER A 3 29.37 -22.14 3.86
CA SER A 3 29.14 -21.61 5.20
C SER A 3 28.20 -20.42 5.15
N ARG A 4 27.14 -20.55 4.33
CA ARG A 4 26.20 -19.48 4.07
C ARG A 4 24.79 -19.95 4.43
N GLY A 5 24.15 -19.24 5.34
CA GLY A 5 22.80 -19.60 5.76
C GLY A 5 21.80 -19.51 4.63
N MET A 6 20.62 -20.06 4.89
CA MET A 6 19.55 -20.15 3.91
C MET A 6 18.40 -19.25 4.31
N ILE A 7 17.82 -18.56 3.32
CA ILE A 7 16.65 -17.72 3.52
C ILE A 7 15.41 -18.47 3.05
N THR A 8 14.40 -18.55 3.91
CA THR A 8 13.17 -19.27 3.61
C THR A 8 11.98 -18.36 3.86
N ASP A 9 10.83 -18.74 3.30
CA ASP A 9 9.61 -18.03 3.59
C ASP A 9 9.08 -18.49 4.96
N ARG A 10 7.91 -18.02 5.36
CA ARG A 10 7.45 -18.23 6.73
C ARG A 10 7.16 -19.69 7.04
N SER A 11 7.11 -20.56 6.03
CA SER A 11 6.79 -21.97 6.22
C SER A 11 7.94 -22.90 5.85
N GLY A 12 9.04 -22.37 5.35
CA GLY A 12 10.23 -23.16 5.08
C GLY A 12 10.66 -23.20 3.64
N ARG A 13 9.87 -22.64 2.72
CA ARG A 13 10.18 -22.76 1.30
C ARG A 13 11.48 -22.03 0.99
N PRO A 14 12.41 -22.64 0.27
CA PRO A 14 13.70 -21.98 0.01
C PRO A 14 13.54 -20.78 -0.91
N LEU A 15 14.11 -19.66 -0.48
CA LEU A 15 14.21 -18.45 -1.28
C LEU A 15 15.64 -18.03 -1.59
N ALA A 16 16.63 -18.54 -0.86
CA ALA A 16 18.04 -18.24 -1.12
C ALA A 16 18.86 -19.38 -0.51
N VAL A 17 19.35 -20.28 -1.37
CA VAL A 17 20.08 -21.47 -0.94
C VAL A 17 21.48 -21.42 -1.50
N SER A 18 22.42 -22.04 -0.78
CA SER A 18 23.81 -22.20 -1.22
C SER A 18 23.96 -23.59 -1.81
N VAL A 19 23.91 -23.69 -3.14
CA VAL A 19 24.00 -24.98 -3.81
C VAL A 19 25.47 -25.31 -4.11
N PRO A 20 25.91 -26.54 -3.88
CA PRO A 20 27.29 -26.91 -4.24
C PRO A 20 27.40 -27.17 -5.73
N VAL A 21 28.20 -26.35 -6.40
CA VAL A 21 28.46 -26.49 -7.83
C VAL A 21 29.96 -26.53 -8.02
N GLY A 22 30.45 -27.55 -8.74
CA GLY A 22 31.86 -27.70 -8.99
C GLY A 22 32.61 -28.51 -7.98
N GLY A 23 31.93 -29.01 -6.94
CA GLY A 23 32.59 -29.82 -5.93
C GLY A 23 33.29 -28.98 -4.87
N GLY A 24 32.78 -29.02 -3.64
CA GLY A 24 33.35 -28.24 -2.57
C GLY A 24 32.94 -26.78 -2.64
N GLU A 25 33.35 -26.10 -3.71
CA GLU A 25 32.90 -24.74 -3.95
C GLU A 25 31.38 -24.71 -4.07
N SER A 26 30.76 -23.66 -3.56
CA SER A 26 29.32 -23.49 -3.60
C SER A 26 28.97 -22.12 -4.16
N ARG A 27 27.72 -22.00 -4.63
CA ARG A 27 27.20 -20.74 -5.15
C ARG A 27 25.95 -20.34 -4.39
N ARG A 28 25.16 -19.43 -4.97
CA ARG A 28 23.90 -19.00 -4.38
C ARG A 28 22.80 -19.12 -5.42
N TYR A 29 21.74 -19.85 -5.07
CA TYR A 29 20.61 -20.06 -5.96
C TYR A 29 19.38 -19.40 -5.35
N TYR A 30 18.53 -18.83 -6.19
CA TYR A 30 17.30 -18.18 -5.74
C TYR A 30 16.11 -18.88 -6.41
N PRO A 31 15.46 -19.82 -5.72
CA PRO A 31 14.45 -20.65 -6.38
C PRO A 31 13.27 -19.88 -6.96
N SER A 32 12.86 -18.77 -6.35
CA SER A 32 11.72 -18.04 -6.90
C SER A 32 12.14 -17.10 -8.02
N GLY A 33 13.39 -16.64 -8.01
CA GLY A 33 13.91 -15.88 -9.13
C GLY A 33 13.40 -14.47 -9.12
N GLU A 34 12.83 -14.03 -10.24
CA GLU A 34 12.30 -12.68 -10.35
C GLU A 34 11.14 -12.42 -9.41
N VAL A 35 10.41 -13.48 -9.01
CA VAL A 35 9.17 -13.32 -8.24
C VAL A 35 9.42 -12.54 -6.95
N THR A 36 10.58 -12.72 -6.33
CA THR A 36 10.89 -12.11 -5.04
C THR A 36 12.23 -11.40 -5.07
N ALA A 37 12.66 -10.96 -6.26
CA ALA A 37 14.03 -10.48 -6.44
C ALA A 37 14.33 -9.27 -5.54
N HIS A 38 13.45 -8.26 -5.57
CA HIS A 38 13.76 -7.00 -4.91
C HIS A 38 13.92 -7.16 -3.42
N LEU A 39 13.02 -7.92 -2.77
CA LEU A 39 13.13 -8.12 -1.34
C LEU A 39 14.33 -9.00 -0.98
N ILE A 40 14.56 -10.06 -1.74
CA ILE A 40 15.61 -11.02 -1.39
C ILE A 40 16.98 -10.44 -1.69
N GLY A 41 17.16 -9.89 -2.90
CA GLY A 41 18.46 -9.35 -3.28
C GLY A 41 19.39 -10.40 -3.83
N PHE A 42 20.70 -10.22 -3.65
CA PHE A 42 21.68 -11.14 -4.21
C PHE A 42 23.02 -10.94 -3.52
N THR A 43 23.93 -11.88 -3.75
CA THR A 43 25.31 -11.83 -3.31
C THR A 43 26.23 -11.59 -4.50
N ASN A 44 27.53 -11.50 -4.22
CA ASN A 44 28.56 -11.50 -5.24
C ASN A 44 29.21 -12.89 -5.27
N VAL A 45 30.44 -12.96 -5.75
CA VAL A 45 31.19 -14.22 -5.76
C VAL A 45 31.89 -14.49 -4.44
N ASP A 46 31.80 -13.57 -3.47
CA ASP A 46 32.43 -13.72 -2.16
C ASP A 46 31.42 -14.00 -1.07
N SER A 47 30.19 -14.41 -1.44
CA SER A 47 29.09 -14.57 -0.49
C SER A 47 28.91 -13.32 0.35
N GLN A 48 28.96 -12.17 -0.31
CA GLN A 48 28.74 -10.88 0.31
C GLN A 48 27.39 -10.32 -0.16
N GLY A 49 26.55 -9.95 0.79
CA GLY A 49 25.25 -9.38 0.43
C GLY A 49 25.41 -7.99 -0.17
N ILE A 50 24.60 -7.73 -1.20
CA ILE A 50 24.68 -6.48 -1.95
C ILE A 50 23.33 -5.77 -1.97
N GLU A 51 22.24 -6.54 -1.94
CA GLU A 51 20.90 -5.97 -1.99
C GLU A 51 19.95 -6.78 -1.13
N GLY A 52 18.87 -6.14 -0.71
CA GLY A 52 17.74 -6.77 -0.06
C GLY A 52 18.10 -7.48 1.23
N VAL A 53 17.32 -8.51 1.55
CA VAL A 53 17.53 -9.31 2.75
C VAL A 53 18.93 -9.92 2.76
N GLU A 54 19.46 -10.23 1.57
CA GLU A 54 20.78 -10.83 1.49
C GLU A 54 21.85 -9.91 2.06
N LYS A 55 21.75 -8.60 1.82
CA LYS A 55 22.68 -7.63 2.38
C LYS A 55 22.32 -7.22 3.81
N SER A 56 21.02 -7.05 4.09
CA SER A 56 20.60 -6.59 5.41
C SER A 56 20.95 -7.61 6.50
N PHE A 57 20.96 -8.90 6.17
CA PHE A 57 21.26 -9.94 7.14
C PHE A 57 22.53 -10.68 6.79
N ASP A 58 23.49 -10.00 6.14
CA ASP A 58 24.69 -10.67 5.69
C ASP A 58 25.51 -11.22 6.86
N LYS A 59 25.46 -10.56 8.01
CA LYS A 59 26.24 -11.01 9.16
C LYS A 59 25.59 -12.23 9.80
N TRP A 60 24.29 -12.18 10.03
CA TRP A 60 23.57 -13.30 10.63
C TRP A 60 23.64 -14.56 9.76
N LEU A 61 23.72 -14.39 8.44
CA LEU A 61 23.71 -15.51 7.51
C LEU A 61 25.10 -16.08 7.24
N THR A 62 26.09 -15.73 8.07
CA THR A 62 27.43 -16.26 7.92
C THR A 62 28.08 -16.74 9.21
N GLY A 63 27.52 -16.41 10.37
CA GLY A 63 28.03 -16.92 11.63
C GLY A 63 29.10 -16.05 12.25
N GLN A 64 28.74 -14.81 12.61
CA GLN A 64 29.67 -13.89 13.25
C GLN A 64 29.85 -14.21 14.73
N ALA A 69 26.72 -20.19 11.48
CA ALA A 69 25.81 -19.52 10.55
C ALA A 69 24.38 -20.01 10.71
N HIS A 70 23.44 -19.07 10.70
CA HIS A 70 22.03 -19.38 10.92
C HIS A 70 21.22 -19.17 9.63
N ASN A 71 20.00 -19.69 9.65
CA ASN A 71 19.03 -19.48 8.58
C ASN A 71 18.00 -18.44 9.02
N LEU A 72 17.30 -17.87 8.04
CA LEU A 72 16.37 -16.78 8.30
C LEU A 72 15.02 -17.10 7.69
N ALA A 73 13.99 -17.17 8.53
CA ALA A 73 12.62 -17.37 8.09
C ALA A 73 11.97 -15.99 7.92
N LEU A 74 11.73 -15.59 6.67
CA LEU A 74 11.07 -14.32 6.44
C LEU A 74 9.60 -14.43 6.85
N SER A 75 8.89 -13.31 6.78
CA SER A 75 7.45 -13.30 7.01
C SER A 75 6.65 -13.53 5.75
N ILE A 76 7.33 -13.61 4.60
CA ILE A 76 6.67 -13.80 3.31
C ILE A 76 6.02 -15.18 3.26
N ASP A 77 4.89 -15.25 2.56
CA ASP A 77 4.26 -16.53 2.19
C ASP A 77 4.39 -16.68 0.69
N GLU A 78 5.21 -17.64 0.26
CA GLU A 78 5.61 -17.68 -1.15
C GLU A 78 4.44 -17.94 -2.07
N ARG A 79 3.44 -18.69 -1.60
CA ARG A 79 2.23 -18.88 -2.40
C ARG A 79 1.53 -17.55 -2.63
N LEU A 80 1.55 -16.67 -1.63
CA LEU A 80 0.94 -15.36 -1.77
C LEU A 80 1.84 -14.41 -2.57
N GLN A 81 3.15 -14.45 -2.31
CA GLN A 81 4.07 -13.67 -3.14
C GLN A 81 3.91 -14.01 -4.60
N ALA A 82 3.73 -15.29 -4.93
CA ALA A 82 3.70 -15.71 -6.33
C ALA A 82 2.47 -15.17 -7.05
N LEU A 83 1.32 -15.14 -6.38
CA LEU A 83 0.12 -14.67 -7.05
C LEU A 83 0.04 -13.16 -7.07
N VAL A 84 0.59 -12.49 -6.05
CA VAL A 84 0.76 -11.05 -6.11
C VAL A 84 1.60 -10.68 -7.33
N TYR A 85 2.74 -11.36 -7.50
CA TYR A 85 3.63 -11.02 -8.59
C TYR A 85 3.01 -11.35 -9.94
N ARG A 86 2.25 -12.44 -10.02
CA ARG A 86 1.67 -12.85 -11.30
C ARG A 86 0.69 -11.81 -11.83
N GLU A 87 -0.12 -11.22 -10.94
CA GLU A 87 -1.09 -10.22 -11.36
C GLU A 87 -0.45 -8.85 -11.53
N LEU A 88 0.46 -8.50 -10.63
CA LEU A 88 1.14 -7.20 -10.71
C LEU A 88 2.01 -7.12 -11.94
N ASN A 89 2.75 -8.18 -12.24
CA ASN A 89 3.64 -8.17 -13.40
C ASN A 89 2.85 -8.03 -14.70
N ASN A 90 1.77 -8.81 -14.83
CA ASN A 90 0.98 -8.78 -16.04
C ASN A 90 0.02 -7.61 -16.11
N ALA A 91 -0.17 -6.88 -15.01
CA ALA A 91 -0.95 -5.65 -15.07
C ALA A 91 -0.09 -4.45 -15.44
N VAL A 92 1.17 -4.42 -15.01
CA VAL A 92 2.13 -3.44 -15.53
C VAL A 92 2.21 -3.53 -17.04
N ALA A 93 2.43 -4.75 -17.54
CA ALA A 93 2.50 -4.96 -18.99
C ALA A 93 1.19 -4.57 -19.67
N PHE A 94 0.06 -5.10 -19.18
CA PHE A 94 -1.22 -4.87 -19.86
C PHE A 94 -1.54 -3.39 -19.97
N ASN A 95 -1.31 -2.62 -18.91
CA ASN A 95 -1.55 -1.18 -18.92
C ASN A 95 -0.34 -0.38 -19.39
N LYS A 96 0.75 -1.05 -19.77
CA LYS A 96 1.94 -0.39 -20.30
C LYS A 96 2.44 0.69 -19.35
N ALA A 97 2.55 0.33 -18.07
CA ALA A 97 2.95 1.24 -17.01
C ALA A 97 4.46 1.23 -16.81
N GLU A 98 4.96 2.31 -16.19
CA GLU A 98 6.39 2.40 -15.90
C GLU A 98 6.81 1.33 -14.90
N SER A 99 6.13 1.28 -13.76
CA SER A 99 6.38 0.25 -12.76
C SER A 99 5.09 0.00 -12.01
N GLY A 100 5.10 -1.06 -11.21
CA GLY A 100 3.97 -1.37 -10.36
C GLY A 100 4.43 -2.03 -9.07
N SER A 101 3.83 -1.64 -7.95
CA SER A 101 4.20 -2.20 -6.67
C SER A 101 2.95 -2.72 -5.95
N ALA A 102 3.12 -3.79 -5.19
CA ALA A 102 2.06 -4.32 -4.35
C ALA A 102 2.66 -4.83 -3.05
N VAL A 103 2.02 -4.48 -1.93
CA VAL A 103 2.42 -4.91 -0.60
C VAL A 103 1.21 -5.53 0.09
N LEU A 104 1.40 -6.70 0.69
CA LEU A 104 0.36 -7.44 1.40
C LEU A 104 0.80 -7.65 2.84
N VAL A 105 0.01 -7.13 3.79
CA VAL A 105 0.40 -7.09 5.20
C VAL A 105 -0.64 -7.81 6.05
N ASP A 106 -0.18 -8.56 7.04
CA ASP A 106 -1.07 -9.22 8.00
C ASP A 106 -1.61 -8.19 8.98
N VAL A 107 -2.94 -8.04 9.03
CA VAL A 107 -3.59 -7.03 9.85
C VAL A 107 -3.34 -7.25 11.32
N ASN A 108 -3.14 -8.50 11.75
CA ASN A 108 -3.04 -8.76 13.17
C ASN A 108 -1.61 -8.72 13.69
N THR A 109 -0.60 -8.89 12.82
CA THR A 109 0.79 -8.99 13.26
C THR A 109 1.76 -8.07 12.53
N GLY A 110 1.31 -7.27 11.58
CA GLY A 110 2.23 -6.41 10.85
C GLY A 110 3.23 -7.15 9.99
N GLU A 111 3.09 -8.47 9.92
CA GLU A 111 3.96 -9.27 9.07
C GLU A 111 3.73 -8.94 7.60
N VAL A 112 4.81 -8.86 6.84
CA VAL A 112 4.73 -8.63 5.40
C VAL A 112 4.57 -9.99 4.74
N LEU A 113 3.36 -10.28 4.26
CA LEU A 113 3.10 -11.56 3.59
C LEU A 113 3.50 -11.54 2.12
N ALA A 114 3.71 -10.38 1.54
CA ALA A 114 4.12 -10.30 0.14
C ALA A 114 4.65 -8.88 -0.12
N MET A 115 5.53 -8.78 -1.10
CA MET A 115 6.15 -7.50 -1.44
C MET A 115 6.72 -7.67 -2.85
N ALA A 116 6.07 -7.05 -3.83
CA ALA A 116 6.36 -7.32 -5.23
C ALA A 116 6.43 -6.04 -6.04
N ASN A 117 7.24 -6.09 -7.09
CA ASN A 117 7.34 -5.00 -8.06
C ASN A 117 7.48 -5.58 -9.46
N SER A 118 6.99 -4.82 -10.44
CA SER A 118 7.29 -5.05 -11.84
C SER A 118 7.64 -3.71 -12.48
N PRO A 119 8.67 -3.66 -13.34
CA PRO A 119 9.54 -4.77 -13.75
C PRO A 119 10.42 -5.28 -12.63
N SER A 120 11.11 -6.40 -12.87
CA SER A 120 11.94 -7.04 -11.86
C SER A 120 13.28 -7.37 -12.51
N TYR A 121 13.96 -8.37 -11.97
CA TYR A 121 15.21 -8.85 -12.52
C TYR A 121 15.41 -10.28 -12.02
N ASN A 122 16.28 -11.01 -12.70
CA ASN A 122 16.56 -12.37 -12.25
C ASN A 122 17.86 -12.37 -11.45
N PRO A 123 17.81 -12.62 -10.14
CA PRO A 123 19.05 -12.66 -9.35
C PRO A 123 19.89 -13.88 -9.63
N ASN A 124 19.39 -14.86 -10.40
CA ASN A 124 20.21 -16.00 -10.79
C ASN A 124 21.15 -15.66 -11.94
N ASN A 125 20.83 -14.63 -12.74
CA ASN A 125 21.73 -14.13 -13.79
C ASN A 125 21.44 -12.63 -13.94
N LEU A 126 22.04 -11.84 -13.06
CA LEU A 126 21.80 -10.40 -13.03
C LEU A 126 22.71 -9.62 -13.96
N SER A 127 23.51 -10.30 -14.79
CA SER A 127 24.36 -9.60 -15.73
C SER A 127 23.50 -8.82 -16.71
N GLY A 128 23.92 -7.59 -16.99
CA GLY A 128 23.19 -6.70 -17.86
C GLY A 128 22.13 -5.85 -17.18
N THR A 129 21.60 -6.31 -16.05
CA THR A 129 20.58 -5.56 -15.34
C THR A 129 21.20 -4.33 -14.68
N PRO A 130 20.73 -3.13 -14.95
CA PRO A 130 21.39 -1.92 -14.43
C PRO A 130 21.22 -1.73 -12.93
N LYS A 131 21.70 -0.60 -12.41
CA LYS A 131 21.52 -0.31 -10.99
C LYS A 131 20.08 0.02 -10.65
N GLU A 132 19.35 0.62 -11.58
CA GLU A 132 17.89 0.65 -11.47
C GLU A 132 17.34 -0.74 -11.78
N ALA A 133 16.01 -0.88 -11.69
CA ALA A 133 15.35 -2.18 -11.73
C ALA A 133 15.75 -3.03 -10.54
N MET A 134 16.80 -2.62 -9.82
CA MET A 134 17.15 -3.17 -8.52
C MET A 134 16.62 -2.34 -7.36
N ARG A 135 16.16 -1.11 -7.64
CA ARG A 135 15.47 -0.33 -6.62
C ARG A 135 14.17 -1.01 -6.24
N ASN A 136 13.97 -1.23 -4.94
CA ASN A 136 12.74 -1.80 -4.41
C ASN A 136 11.68 -0.70 -4.38
N ARG A 137 10.84 -0.66 -5.41
CA ARG A 137 9.89 0.45 -5.56
C ARG A 137 8.96 0.58 -4.35
N THR A 138 8.66 -0.53 -3.67
CA THR A 138 7.74 -0.47 -2.53
C THR A 138 8.30 0.36 -1.37
N ILE A 139 9.62 0.55 -1.31
CA ILE A 139 10.22 1.35 -0.25
C ILE A 139 11.00 2.53 -0.78
N THR A 140 11.25 2.62 -2.09
CA THR A 140 12.02 3.73 -2.66
C THR A 140 11.16 4.75 -3.38
N ASP A 141 10.06 4.34 -3.99
CA ASP A 141 9.17 5.31 -4.62
C ASP A 141 8.40 6.09 -3.57
N VAL A 142 8.32 7.40 -3.76
CA VAL A 142 7.49 8.27 -2.93
C VAL A 142 6.57 9.04 -3.85
N PHE A 143 5.25 8.82 -3.70
CA PHE A 143 4.25 9.46 -4.54
C PHE A 143 3.14 10.02 -3.67
N GLU A 144 2.46 11.01 -4.20
CA GLU A 144 1.33 11.59 -3.47
C GLU A 144 0.24 10.54 -3.32
N PRO A 145 -0.30 10.34 -2.11
CA PRO A 145 -1.27 9.26 -1.91
C PRO A 145 -2.62 9.52 -2.55
N GLY A 146 -2.98 10.76 -2.81
CA GLY A 146 -4.24 10.98 -3.50
C GLY A 146 -5.46 10.65 -2.64
N SER A 147 -6.54 10.27 -3.31
CA SER A 147 -7.81 9.95 -2.64
C SER A 147 -7.76 8.84 -1.62
N THR A 148 -6.63 8.09 -1.51
CA THR A 148 -6.56 6.99 -0.55
C THR A 148 -6.47 7.47 0.90
N VAL A 149 -6.18 8.75 1.13
CA VAL A 149 -6.19 9.27 2.50
C VAL A 149 -7.59 9.60 2.98
N LYS A 150 -8.57 9.69 2.07
CA LYS A 150 -9.90 10.15 2.44
C LYS A 150 -10.54 9.37 3.59
N PRO A 151 -10.38 8.05 3.72
CA PRO A 151 -10.95 7.38 4.90
C PRO A 151 -10.49 7.99 6.21
N MET A 152 -9.24 8.46 6.28
CA MET A 152 -8.75 9.06 7.52
C MET A 152 -9.36 10.44 7.75
N VAL A 153 -9.76 11.13 6.68
CA VAL A 153 -10.42 12.42 6.83
C VAL A 153 -11.79 12.25 7.46
N VAL A 154 -12.55 11.23 7.02
CA VAL A 154 -13.84 10.93 7.63
C VAL A 154 -13.67 10.56 9.10
N MET A 155 -12.63 9.78 9.43
CA MET A 155 -12.41 9.39 10.82
C MET A 155 -12.11 10.60 11.70
N THR A 156 -11.30 11.53 11.19
CA THR A 156 -11.02 12.74 11.95
C THR A 156 -12.27 13.57 12.14
N ALA A 157 -13.07 13.72 11.08
CA ALA A 157 -14.28 14.52 11.17
C ALA A 157 -15.27 13.92 12.17
N LEU A 158 -15.43 12.60 12.16
CA LEU A 158 -16.28 11.97 13.16
C LEU A 158 -15.70 12.12 14.56
N GLN A 159 -14.37 12.05 14.69
CA GLN A 159 -13.76 12.21 15.99
C GLN A 159 -13.92 13.63 16.52
N ARG A 160 -13.58 14.62 15.71
CA ARG A 160 -13.65 16.01 16.15
C ARG A 160 -15.08 16.56 16.27
N GLY A 161 -16.11 15.73 16.19
CA GLY A 161 -17.49 16.19 16.30
C GLY A 161 -17.98 17.06 15.17
N VAL A 162 -17.16 17.27 14.14
CA VAL A 162 -17.55 18.14 13.04
C VAL A 162 -18.75 17.60 12.31
N VAL A 163 -18.81 16.28 12.12
CA VAL A 163 -19.89 15.64 11.39
C VAL A 163 -20.30 14.37 12.14
N ARG A 164 -21.50 13.88 11.82
CA ARG A 164 -22.01 12.65 12.41
C ARG A 164 -22.29 11.64 11.31
N GLU A 165 -22.38 10.36 11.71
CA GLU A 165 -22.46 9.25 10.76
C GLU A 165 -23.49 9.50 9.67
N ASN A 166 -24.70 9.85 10.06
CA ASN A 166 -25.77 10.15 9.11
CA ASN A 166 -25.77 10.15 9.11
C ASN A 166 -25.86 11.67 8.94
N SER A 167 -24.98 12.20 8.11
CA SER A 167 -24.98 13.62 7.77
C SER A 167 -24.89 13.80 6.28
N VAL A 168 -25.60 14.78 5.76
CA VAL A 168 -25.59 15.10 4.34
C VAL A 168 -24.74 16.34 4.14
N LEU A 169 -23.66 16.20 3.37
CA LEU A 169 -22.78 17.31 3.07
C LEU A 169 -23.17 17.96 1.75
N ASN A 170 -22.97 19.28 1.68
CA ASN A 170 -23.18 19.99 0.43
C ASN A 170 -21.91 19.89 -0.41
N THR A 171 -22.02 19.23 -1.57
CA THR A 171 -20.87 18.95 -2.42
C THR A 171 -20.90 19.74 -3.73
N ILE A 172 -21.72 20.78 -3.81
CA ILE A 172 -21.69 21.66 -4.98
C ILE A 172 -20.30 22.29 -5.08
N PRO A 173 -19.70 22.38 -6.26
CA PRO A 173 -18.35 22.93 -6.37
C PRO A 173 -18.27 24.34 -5.81
N TYR A 174 -17.04 24.75 -5.46
CA TYR A 174 -16.80 26.10 -4.96
C TYR A 174 -15.34 26.45 -5.18
N ARG A 175 -14.98 27.67 -4.79
CA ARG A 175 -13.62 28.20 -4.95
C ARG A 175 -13.03 28.54 -3.59
N ILE A 176 -11.80 28.10 -3.36
CA ILE A 176 -11.01 28.47 -2.20
C ILE A 176 -9.89 29.36 -2.70
N ASN A 177 -9.92 30.64 -2.33
CA ASN A 177 -8.93 31.61 -2.79
C ASN A 177 -9.07 31.67 -4.31
N GLY A 178 -8.02 31.42 -5.09
CA GLY A 178 -8.15 31.38 -6.53
C GLY A 178 -8.57 30.02 -7.05
N HIS A 179 -7.97 28.96 -6.52
CA HIS A 179 -8.21 27.61 -7.01
C HIS A 179 -9.66 27.18 -6.76
N GLU A 180 -10.15 26.31 -7.62
CA GLU A 180 -11.50 25.78 -7.54
C GLU A 180 -11.46 24.31 -7.16
N ILE A 181 -12.56 23.84 -6.55
CA ILE A 181 -12.68 22.46 -6.07
C ILE A 181 -13.90 21.83 -6.74
N LYS A 182 -13.70 20.67 -7.37
CA LYS A 182 -14.79 20.01 -8.08
C LYS A 182 -14.53 18.51 -8.08
N ASP A 183 -15.63 17.76 -8.18
CA ASP A 183 -15.57 16.31 -8.23
C ASP A 183 -15.39 15.83 -9.67
N VAL A 184 -15.20 14.53 -9.83
CA VAL A 184 -15.18 13.94 -11.17
C VAL A 184 -16.57 13.95 -11.78
N ALA A 185 -17.60 13.69 -10.97
CA ALA A 185 -18.99 13.85 -11.36
C ALA A 185 -19.65 14.81 -10.38
N ARG A 186 -20.44 15.75 -10.90
CA ARG A 186 -21.05 16.74 -10.04
C ARG A 186 -22.19 16.13 -9.23
N TYR A 187 -22.24 16.47 -7.94
CA TYR A 187 -23.31 16.04 -7.06
C TYR A 187 -23.71 17.21 -6.17
N SER A 188 -25.01 17.50 -6.11
CA SER A 188 -25.49 18.61 -5.30
C SER A 188 -25.24 18.35 -3.82
N GLU A 189 -25.39 17.10 -3.38
CA GLU A 189 -25.12 16.75 -1.99
C GLU A 189 -24.70 15.29 -1.91
N LEU A 190 -24.06 14.94 -0.81
CA LEU A 190 -23.61 13.57 -0.57
C LEU A 190 -23.64 13.30 0.93
N THR A 191 -23.67 12.02 1.26
CA THR A 191 -23.52 11.56 2.63
C THR A 191 -22.10 11.06 2.86
N LEU A 192 -21.77 10.78 4.12
CA LEU A 192 -20.43 10.32 4.45
C LEU A 192 -20.06 9.08 3.65
N THR A 193 -20.91 8.04 3.71
CA THR A 193 -20.67 6.86 2.89
C THR A 193 -20.60 7.21 1.40
N GLY A 194 -21.39 8.20 0.98
CA GLY A 194 -21.31 8.63 -0.41
C GLY A 194 -20.04 9.40 -0.72
N VAL A 195 -19.54 10.16 0.25
CA VAL A 195 -18.30 10.92 0.04
C VAL A 195 -17.16 9.98 -0.34
N LEU A 196 -17.04 8.86 0.38
CA LEU A 196 -16.00 7.88 0.07
C LEU A 196 -16.36 7.04 -1.14
N GLN A 197 -17.65 6.72 -1.30
CA GLN A 197 -18.10 5.92 -2.44
C GLN A 197 -17.69 6.58 -3.75
N LYS A 198 -18.20 7.79 -4.00
CA LYS A 198 -17.87 8.57 -5.19
C LYS A 198 -16.49 9.22 -5.11
N SER A 199 -15.79 9.08 -3.99
CA SER A 199 -14.53 9.79 -3.73
C SER A 199 -14.66 11.28 -4.06
N SER A 200 -15.43 11.96 -3.22
CA SER A 200 -15.78 13.36 -3.45
C SER A 200 -14.68 14.28 -2.92
N ASN A 201 -13.98 14.96 -3.82
CA ASN A 201 -12.99 15.95 -3.40
C ASN A 201 -13.63 17.14 -2.70
N VAL A 202 -14.84 17.54 -3.14
CA VAL A 202 -15.53 18.63 -2.48
C VAL A 202 -15.95 18.24 -1.07
N GLY A 203 -16.48 17.03 -0.90
CA GLY A 203 -16.96 16.62 0.40
C GLY A 203 -15.87 16.63 1.46
N VAL A 204 -14.72 16.02 1.15
CA VAL A 204 -13.68 15.93 2.17
C VAL A 204 -12.98 17.27 2.37
N SER A 205 -12.95 18.12 1.34
CA SER A 205 -12.32 19.42 1.51
C SER A 205 -13.15 20.32 2.41
N LYS A 206 -14.48 20.23 2.30
CA LYS A 206 -15.35 20.92 3.24
C LYS A 206 -15.06 20.48 4.66
N LEU A 207 -14.79 19.19 4.86
CA LEU A 207 -14.44 18.73 6.20
C LEU A 207 -13.09 19.28 6.65
N ALA A 208 -12.11 19.34 5.74
CA ALA A 208 -10.77 19.79 6.12
C ALA A 208 -10.77 21.25 6.58
N LEU A 209 -11.71 22.06 6.09
CA LEU A 209 -11.75 23.46 6.44
C LEU A 209 -12.41 23.72 7.78
N ALA A 210 -13.29 22.82 8.23
CA ALA A 210 -13.94 22.94 9.53
C ALA A 210 -13.11 22.34 10.65
N MET A 211 -11.79 22.20 10.44
CA MET A 211 -10.90 21.60 11.42
C MET A 211 -9.58 22.35 11.41
N PRO A 212 -8.92 22.45 12.57
CA PRO A 212 -7.55 22.99 12.57
C PRO A 212 -6.65 22.16 11.68
N SER A 213 -5.72 22.84 11.00
CA SER A 213 -4.83 22.15 10.07
C SER A 213 -4.09 21.01 10.76
N SER A 214 -3.86 21.11 12.07
CA SER A 214 -3.20 20.05 12.82
C SER A 214 -4.02 18.78 12.89
N ALA A 215 -5.32 18.84 12.60
CA ALA A 215 -6.16 17.65 12.69
C ALA A 215 -5.67 16.56 11.74
N LEU A 216 -5.70 16.82 10.44
CA LEU A 216 -5.25 15.81 9.49
C LEU A 216 -3.77 15.51 9.64
N VAL A 217 -2.97 16.47 10.09
CA VAL A 217 -1.57 16.19 10.34
C VAL A 217 -1.42 15.17 11.47
N ASP A 218 -2.25 15.30 12.51
CA ASP A 218 -2.16 14.35 13.61
C ASP A 218 -2.65 12.96 13.19
N THR A 219 -3.75 12.89 12.43
CA THR A 219 -4.33 11.60 12.10
C THR A 219 -3.44 10.83 11.14
N TYR A 220 -2.98 11.48 10.07
CA TYR A 220 -2.12 10.80 9.10
C TYR A 220 -0.87 10.24 9.79
N SER A 221 -0.27 11.02 10.69
CA SER A 221 0.91 10.55 11.40
C SER A 221 0.58 9.38 12.31
N ARG A 222 -0.59 9.41 12.96
CA ARG A 222 -0.97 8.31 13.83
C ARG A 222 -1.06 7.01 13.05
N PHE A 223 -1.32 7.10 11.75
CA PHE A 223 -1.38 5.93 10.88
C PHE A 223 -0.06 5.66 10.17
N GLY A 224 0.98 6.41 10.49
CA GLY A 224 2.34 6.06 10.09
C GLY A 224 2.95 6.91 9.00
N LEU A 225 2.18 7.76 8.33
CA LEU A 225 2.73 8.54 7.23
C LEU A 225 3.81 9.49 7.74
N GLY A 226 4.87 9.64 6.95
CA GLY A 226 6.02 10.40 7.37
C GLY A 226 6.91 9.74 8.41
N LYS A 227 6.58 8.53 8.84
CA LYS A 227 7.37 7.78 9.82
C LYS A 227 8.07 6.62 9.12
N ALA A 228 9.29 6.33 9.57
CA ALA A 228 10.06 5.26 8.97
C ALA A 228 9.39 3.91 9.23
N THR A 229 9.68 2.95 8.36
CA THR A 229 9.11 1.61 8.46
C THR A 229 10.07 0.61 9.09
N ASN A 230 11.35 0.97 9.25
CA ASN A 230 12.31 0.22 10.06
C ASN A 230 12.43 -1.24 9.64
N LEU A 231 12.17 -1.57 8.37
CA LEU A 231 12.42 -2.92 7.92
C LEU A 231 13.91 -3.22 7.83
N GLY A 232 14.74 -2.19 7.72
CA GLY A 232 16.17 -2.37 7.65
C GLY A 232 16.73 -2.56 6.26
N LEU A 233 15.92 -2.39 5.23
CA LEU A 233 16.38 -2.60 3.86
C LEU A 233 17.10 -1.37 3.32
N VAL A 234 17.83 -1.57 2.24
CA VAL A 234 18.59 -0.51 1.60
C VAL A 234 17.65 0.31 0.72
N GLY A 235 17.78 1.63 0.78
CA GLY A 235 16.93 2.52 0.02
C GLY A 235 15.56 2.76 0.63
N GLU A 236 15.33 2.29 1.85
CA GLU A 236 14.02 2.41 2.49
C GLU A 236 13.77 3.88 2.82
N ARG A 237 12.85 4.51 2.10
CA ARG A 237 12.57 5.93 2.23
C ARG A 237 11.39 6.17 3.17
N SER A 238 11.40 7.32 3.85
CA SER A 238 10.40 7.66 4.85
C SER A 238 9.37 8.66 4.35
N GLY A 239 9.36 8.97 3.06
CA GLY A 239 8.38 9.89 2.52
C GLY A 239 8.61 11.35 2.87
N LEU A 240 7.93 12.23 2.15
CA LEU A 240 8.03 13.67 2.38
C LEU A 240 6.76 14.12 3.08
N TYR A 241 6.91 14.70 4.27
CA TYR A 241 5.77 15.00 5.12
C TYR A 241 5.78 16.47 5.52
N PRO A 242 4.62 17.14 5.49
CA PRO A 242 4.59 18.57 5.77
C PRO A 242 4.74 18.86 7.26
N GLN A 243 5.71 19.72 7.58
CA GLN A 243 5.93 20.22 8.93
C GLN A 243 5.58 21.71 9.04
N LYS A 244 4.65 22.17 8.21
CA LYS A 244 4.36 23.59 8.10
C LYS A 244 3.90 24.17 9.44
N GLN A 245 4.38 25.37 9.75
CA GLN A 245 3.91 26.08 10.92
C GLN A 245 2.63 26.86 10.64
N ARG A 246 2.37 27.22 9.38
CA ARG A 246 1.15 27.91 9.00
C ARG A 246 0.68 27.39 7.65
N TRP A 247 -0.64 27.25 7.50
CA TRP A 247 -1.26 26.65 6.33
C TRP A 247 -2.14 27.67 5.63
N SER A 248 -2.28 27.52 4.32
CA SER A 248 -3.28 28.27 3.59
C SER A 248 -4.59 27.48 3.58
N ASP A 249 -5.67 28.16 3.18
CA ASP A 249 -6.96 27.48 3.08
C ASP A 249 -6.96 26.45 1.96
N ILE A 250 -6.23 26.72 0.88
CA ILE A 250 -6.20 25.75 -0.22
C ILE A 250 -5.29 24.58 0.14
N GLU A 251 -4.25 24.80 0.95
CA GLU A 251 -3.39 23.70 1.35
C GLU A 251 -4.10 22.74 2.31
N ARG A 252 -4.91 23.28 3.23
CA ARG A 252 -5.68 22.40 4.11
C ARG A 252 -6.71 21.59 3.33
N ALA A 253 -7.32 22.20 2.30
CA ALA A 253 -8.36 21.53 1.55
C ALA A 253 -7.80 20.42 0.67
N THR A 254 -6.71 20.72 -0.07
CA THR A 254 -6.13 19.72 -0.95
C THR A 254 -5.40 18.63 -0.18
N PHE A 255 -5.11 18.87 1.10
CA PHE A 255 -4.52 17.85 1.95
C PHE A 255 -5.49 16.71 2.20
N SER A 256 -6.79 16.99 2.20
CA SER A 256 -7.78 15.95 2.45
C SER A 256 -7.89 14.96 1.29
N PHE A 257 -7.28 15.24 0.14
CA PHE A 257 -7.25 14.26 -0.94
C PHE A 257 -5.85 14.17 -1.55
N GLY A 258 -4.83 14.15 -0.70
CA GLY A 258 -3.54 13.65 -1.10
C GLY A 258 -2.59 14.62 -1.75
N TYR A 259 -2.77 15.91 -1.55
CA TYR A 259 -1.81 16.91 -2.02
C TYR A 259 -0.92 17.34 -0.86
N GLY A 260 0.37 17.48 -1.12
CA GLY A 260 1.28 18.02 -0.13
C GLY A 260 1.99 17.01 0.73
N LEU A 261 1.95 15.72 0.37
CA LEU A 261 2.69 14.70 1.10
C LEU A 261 3.00 13.57 0.13
N MET A 262 4.09 12.86 0.42
CA MET A 262 4.53 11.74 -0.42
C MET A 262 4.83 10.54 0.46
N VAL A 263 4.33 9.38 0.05
CA VAL A 263 4.40 8.17 0.86
C VAL A 263 4.89 7.02 0.00
N THR A 264 5.64 6.09 0.62
CA THR A 264 6.03 4.87 -0.06
C THR A 264 4.88 3.87 -0.03
N PRO A 265 4.84 2.96 -1.00
CA PRO A 265 3.80 1.92 -0.96
C PRO A 265 3.80 1.12 0.33
N LEU A 266 4.97 0.85 0.90
CA LEU A 266 5.04 0.16 2.19
C LEU A 266 4.35 0.96 3.29
N GLN A 267 4.57 2.28 3.31
CA GLN A 267 3.91 3.13 4.31
C GLN A 267 2.40 3.12 4.13
N LEU A 268 1.92 3.18 2.89
CA LEU A 268 0.49 3.17 2.65
C LEU A 268 -0.13 1.83 3.02
N ALA A 269 0.62 0.74 2.89
CA ALA A 269 0.11 -0.55 3.34
C ALA A 269 0.02 -0.60 4.86
N ARG A 270 0.89 0.14 5.56
CA ARG A 270 0.80 0.17 7.01
C ARG A 270 -0.40 0.97 7.47
N VAL A 271 -0.80 1.98 6.69
CA VAL A 271 -2.00 2.75 7.00
C VAL A 271 -3.22 1.84 6.98
N TYR A 272 -3.30 0.96 5.98
CA TYR A 272 -4.49 0.13 5.85
C TYR A 272 -4.45 -1.09 6.75
N ALA A 273 -3.26 -1.52 7.19
CA ALA A 273 -3.22 -2.50 8.27
C ALA A 273 -3.72 -1.90 9.58
N THR A 274 -3.53 -0.58 9.77
CA THR A 274 -4.07 0.09 10.95
C THR A 274 -5.57 0.34 10.82
N ILE A 275 -6.05 0.51 9.58
CA ILE A 275 -7.49 0.61 9.37
C ILE A 275 -8.15 -0.75 9.56
N GLY A 276 -7.49 -1.81 9.10
CA GLY A 276 -8.06 -3.14 9.25
C GLY A 276 -7.98 -3.68 10.66
N SER A 277 -7.10 -3.12 11.49
CA SER A 277 -7.06 -3.48 12.90
C SER A 277 -7.98 -2.62 13.72
N TYR A 278 -8.75 -1.74 13.06
CA TYR A 278 -9.72 -0.87 13.72
C TYR A 278 -9.03 0.14 14.64
N GLY A 279 -7.81 0.55 14.29
CA GLY A 279 -7.13 1.60 15.02
C GLY A 279 -5.92 1.20 15.82
N ILE A 280 -5.45 -0.05 15.70
CA ILE A 280 -4.23 -0.51 16.37
C ILE A 280 -3.07 -0.42 15.38
N TYR A 281 -2.00 0.26 15.79
CA TYR A 281 -0.83 0.49 14.95
C TYR A 281 0.27 -0.48 15.37
N ARG A 282 0.61 -1.39 14.46
CA ARG A 282 1.64 -2.38 14.71
C ARG A 282 2.84 -2.14 13.80
N PRO A 283 4.05 -2.48 14.23
CA PRO A 283 5.22 -2.31 13.36
C PRO A 283 5.27 -3.36 12.27
N LEU A 284 5.89 -3.00 11.16
CA LEU A 284 6.06 -3.92 10.06
C LEU A 284 7.30 -4.80 10.28
N SER A 285 7.22 -6.03 9.77
CA SER A 285 8.27 -7.02 9.95
C SER A 285 8.40 -7.84 8.67
N ILE A 286 9.63 -8.08 8.23
CA ILE A 286 9.90 -9.01 7.15
C ILE A 286 10.50 -10.32 7.64
N THR A 287 10.49 -10.54 8.95
CA THR A 287 10.90 -11.83 9.50
C THR A 287 9.71 -12.45 10.22
N LYS A 288 9.67 -13.78 10.25
CA LYS A 288 8.54 -14.44 10.91
C LYS A 288 8.50 -14.05 12.38
N VAL A 289 7.34 -13.58 12.81
CA VAL A 289 7.17 -13.01 14.14
C VAL A 289 6.67 -14.10 15.08
N ASP A 290 6.88 -13.88 16.38
CA ASP A 290 6.27 -14.68 17.42
C ASP A 290 5.09 -13.92 18.00
N PRO A 291 3.85 -14.36 17.79
CA PRO A 291 2.71 -13.66 18.38
C PRO A 291 2.81 -13.69 19.89
N PRO A 292 2.24 -12.68 20.57
CA PRO A 292 1.46 -11.57 20.01
C PRO A 292 2.28 -10.36 19.56
N VAL A 293 1.63 -9.45 18.84
CA VAL A 293 2.20 -8.16 18.46
C VAL A 293 1.22 -7.09 18.92
N PRO A 294 1.38 -6.53 20.12
CA PRO A 294 0.30 -5.72 20.70
C PRO A 294 0.02 -4.43 19.96
N GLY A 295 1.06 -3.72 19.52
CA GLY A 295 0.86 -2.44 18.87
C GLY A 295 0.34 -1.38 19.83
N GLU A 296 0.05 -0.20 19.27
CA GLU A 296 -0.45 0.93 20.03
C GLU A 296 -1.79 1.39 19.48
N ARG A 297 -2.72 1.68 20.38
CA ARG A 297 -4.02 2.22 20.00
C ARG A 297 -3.86 3.67 19.59
N VAL A 298 -4.15 3.98 18.33
CA VAL A 298 -3.98 5.33 17.79
C VAL A 298 -5.28 5.95 17.31
N PHE A 299 -6.40 5.22 17.34
CA PHE A 299 -7.67 5.84 16.98
C PHE A 299 -8.79 5.01 17.58
N PRO A 300 -9.89 5.63 18.03
CA PRO A 300 -10.96 4.86 18.68
C PRO A 300 -11.50 3.77 17.76
N GLU A 301 -11.76 2.61 18.35
CA GLU A 301 -12.19 1.47 17.56
C GLU A 301 -13.53 1.73 16.87
N SER A 302 -14.48 2.35 17.58
CA SER A 302 -15.82 2.50 17.02
C SER A 302 -15.83 3.38 15.79
N ILE A 303 -14.92 4.37 15.71
CA ILE A 303 -14.91 5.25 14.56
C ILE A 303 -14.30 4.56 13.34
N VAL A 304 -13.28 3.73 13.55
CA VAL A 304 -12.66 3.04 12.42
C VAL A 304 -13.59 1.97 11.88
N ARG A 305 -14.34 1.29 12.75
CA ARG A 305 -15.30 0.32 12.24
C ARG A 305 -16.38 0.99 11.41
N THR A 306 -16.83 2.17 11.84
CA THR A 306 -17.84 2.89 11.08
C THR A 306 -17.34 3.24 9.70
N VAL A 307 -16.07 3.65 9.60
CA VAL A 307 -15.55 4.03 8.30
C VAL A 307 -15.18 2.80 7.47
N VAL A 308 -14.75 1.71 8.14
CA VAL A 308 -14.53 0.47 7.41
C VAL A 308 -15.82 0.04 6.72
N HIS A 309 -16.95 0.18 7.39
CA HIS A 309 -18.21 -0.17 6.74
C HIS A 309 -18.52 0.77 5.60
N MET A 310 -18.23 2.07 5.76
CA MET A 310 -18.41 3.00 4.65
C MET A 310 -17.56 2.60 3.44
N MET A 311 -16.38 2.03 3.68
CA MET A 311 -15.49 1.69 2.58
C MET A 311 -15.96 0.47 1.80
N GLU A 312 -16.97 -0.26 2.28
CA GLU A 312 -17.49 -1.37 1.51
C GLU A 312 -18.24 -0.90 0.27
N SER A 313 -18.91 0.25 0.36
CA SER A 313 -19.69 0.70 -0.79
C SER A 313 -18.82 1.14 -1.95
N VAL A 314 -17.52 1.33 -1.74
CA VAL A 314 -16.62 1.57 -2.87
C VAL A 314 -16.58 0.34 -3.78
N ALA A 315 -16.56 -0.85 -3.18
CA ALA A 315 -16.50 -2.11 -3.92
C ALA A 315 -17.87 -2.62 -4.34
N LEU A 316 -18.94 -1.92 -3.99
CA LEU A 316 -20.30 -2.27 -4.35
C LEU A 316 -20.78 -1.42 -5.51
N PRO A 317 -21.88 -1.81 -6.17
CA PRO A 317 -22.38 -1.00 -7.30
C PRO A 317 -22.57 0.46 -6.93
N GLY A 318 -21.83 1.35 -7.60
CA GLY A 318 -21.86 2.77 -7.33
C GLY A 318 -20.52 3.34 -6.93
N GLY A 319 -19.69 2.55 -6.25
CA GLY A 319 -18.38 3.01 -5.86
C GLY A 319 -17.40 3.01 -7.01
N GLY A 320 -16.32 3.77 -6.83
CA GLY A 320 -15.30 3.85 -7.84
C GLY A 320 -14.37 2.66 -7.84
N GLY A 321 -14.80 1.55 -7.23
CA GLY A 321 -13.97 0.38 -7.14
C GLY A 321 -14.76 -0.91 -7.24
N VAL A 322 -15.90 -0.86 -7.92
CA VAL A 322 -16.72 -2.06 -8.11
C VAL A 322 -15.95 -3.12 -8.90
N LYS A 323 -15.01 -2.70 -9.76
CA LYS A 323 -14.19 -3.65 -10.48
C LYS A 323 -13.43 -4.58 -9.56
N ALA A 324 -13.14 -4.13 -8.34
CA ALA A 324 -12.36 -4.93 -7.40
C ALA A 324 -13.17 -6.00 -6.69
N ALA A 325 -14.48 -6.06 -6.91
CA ALA A 325 -15.34 -6.98 -6.17
C ALA A 325 -14.82 -8.41 -6.27
N ILE A 326 -15.13 -9.20 -5.24
CA ILE A 326 -14.75 -10.60 -5.13
C ILE A 326 -15.98 -11.41 -4.77
N LYS A 327 -16.17 -12.56 -5.42
CA LYS A 327 -17.36 -13.37 -5.18
C LYS A 327 -17.31 -14.01 -3.80
N GLY A 328 -18.38 -13.82 -3.03
CA GLY A 328 -18.50 -14.46 -1.74
C GLY A 328 -17.78 -13.78 -0.60
N TYR A 329 -17.35 -12.53 -0.77
CA TYR A 329 -16.58 -11.83 0.24
C TYR A 329 -16.97 -10.37 0.31
N ARG A 330 -16.96 -9.84 1.53
CA ARG A 330 -17.05 -8.40 1.75
C ARG A 330 -15.64 -7.82 1.78
N ILE A 331 -15.43 -6.72 1.05
CA ILE A 331 -14.16 -6.02 1.13
C ILE A 331 -14.42 -4.55 1.34
N ALA A 332 -13.49 -3.91 2.04
CA ALA A 332 -13.52 -2.47 2.30
C ALA A 332 -12.26 -1.88 1.68
N ILE A 333 -12.42 -1.09 0.62
CA ILE A 333 -11.31 -0.60 -0.15
C ILE A 333 -11.46 0.89 -0.37
N LYS A 334 -10.39 1.52 -0.84
CA LYS A 334 -10.44 2.89 -1.31
C LYS A 334 -9.58 3.01 -2.55
N THR A 335 -10.11 3.67 -3.57
CA THR A 335 -9.37 3.90 -4.79
C THR A 335 -8.64 5.23 -4.72
N GLY A 336 -7.77 5.47 -5.70
CA GLY A 336 -7.04 6.72 -5.76
C GLY A 336 -6.34 6.96 -7.08
N THR A 337 -6.32 8.20 -7.55
CA THR A 337 -5.54 8.58 -8.71
C THR A 337 -4.74 9.84 -8.36
N ALA A 338 -3.45 9.83 -8.67
CA ALA A 338 -2.59 10.96 -8.39
C ALA A 338 -1.95 11.44 -9.69
N LYS A 339 -1.83 12.76 -9.83
CA LYS A 339 -1.05 13.32 -10.92
C LYS A 339 0.42 13.31 -10.54
N LYS A 340 1.26 12.75 -11.42
CA LYS A 340 2.69 12.70 -11.14
C LYS A 340 3.31 14.10 -11.21
N VAL A 341 4.34 14.31 -10.41
CA VAL A 341 5.14 15.53 -10.44
C VAL A 341 6.26 15.36 -11.44
N GLY A 342 6.49 16.38 -12.26
CA GLY A 342 7.55 16.32 -13.24
C GLY A 342 8.92 16.53 -12.62
N PRO A 343 9.95 16.50 -13.47
CA PRO A 343 11.30 16.83 -12.99
C PRO A 343 11.45 18.30 -12.62
N ASP A 344 10.67 19.19 -13.23
CA ASP A 344 10.71 20.60 -12.88
C ASP A 344 9.94 20.91 -11.59
N GLY A 345 9.29 19.91 -10.99
CA GLY A 345 8.54 20.10 -9.77
C GLY A 345 7.07 20.42 -9.95
N ARG A 346 6.58 20.47 -11.19
CA ARG A 346 5.17 20.72 -11.45
C ARG A 346 4.54 19.52 -12.13
N TYR A 347 3.21 19.48 -12.08
CA TYR A 347 2.47 18.28 -12.42
C TYR A 347 2.40 18.08 -13.93
N ILE A 348 2.74 16.87 -14.37
CA ILE A 348 2.67 16.47 -15.77
C ILE A 348 1.43 15.62 -15.99
N ASN A 349 1.29 15.06 -17.18
CA ASN A 349 0.12 14.26 -17.55
C ASN A 349 0.38 12.76 -17.38
N LYS A 350 1.03 12.40 -16.28
CA LYS A 350 1.28 11.01 -15.92
CA LYS A 350 1.27 11.01 -15.92
C LYS A 350 0.66 10.75 -14.55
N TYR A 351 0.09 9.56 -14.38
CA TYR A 351 -0.72 9.27 -13.20
C TYR A 351 -0.19 8.07 -12.41
N ILE A 352 -0.52 8.07 -11.12
CA ILE A 352 -0.31 6.94 -10.23
C ILE A 352 -1.69 6.41 -9.86
N ALA A 353 -1.98 5.17 -10.24
CA ALA A 353 -3.28 4.55 -9.97
C ALA A 353 -3.18 3.67 -8.73
N TYR A 354 -4.07 3.91 -7.76
CA TYR A 354 -4.09 3.19 -6.49
C TYR A 354 -5.34 2.34 -6.35
N THR A 355 -5.21 1.25 -5.60
CA THR A 355 -6.36 0.67 -4.92
C THR A 355 -5.85 0.02 -3.64
N ALA A 356 -6.24 0.59 -2.51
CA ALA A 356 -5.89 0.06 -1.20
C ALA A 356 -7.14 -0.41 -0.49
N GLY A 357 -6.99 -1.41 0.36
CA GLY A 357 -8.16 -1.92 1.06
C GLY A 357 -7.78 -3.03 2.00
N VAL A 358 -8.80 -3.52 2.70
CA VAL A 358 -8.68 -4.62 3.65
C VAL A 358 -9.81 -5.60 3.36
N ALA A 359 -9.64 -6.83 3.86
CA ALA A 359 -10.57 -7.92 3.57
C ALA A 359 -10.35 -9.03 4.57
N PRO A 360 -11.41 -9.74 4.99
CA PRO A 360 -12.83 -9.49 4.65
C PRO A 360 -13.42 -8.41 5.54
N ALA A 361 -14.41 -7.67 5.04
CA ALA A 361 -14.91 -6.52 5.79
C ALA A 361 -15.51 -6.93 7.13
N SER A 362 -16.01 -8.15 7.25
CA SER A 362 -16.63 -8.57 8.51
C SER A 362 -15.59 -8.65 9.63
N GLN A 363 -14.35 -8.92 9.30
CA GLN A 363 -13.26 -9.09 10.26
C GLN A 363 -11.95 -9.08 9.48
N PRO A 364 -11.41 -7.91 9.16
CA PRO A 364 -10.28 -7.86 8.22
C PRO A 364 -9.08 -8.63 8.72
N ARG A 365 -8.47 -9.40 7.81
CA ARG A 365 -7.28 -10.17 8.09
C ARG A 365 -6.07 -9.77 7.26
N PHE A 366 -6.27 -9.08 6.13
CA PHE A 366 -5.19 -8.73 5.23
C PHE A 366 -5.37 -7.30 4.76
N ALA A 367 -4.28 -6.55 4.71
CA ALA A 367 -4.25 -5.25 4.09
C ALA A 367 -3.46 -5.36 2.79
N LEU A 368 -3.99 -4.78 1.71
CA LEU A 368 -3.37 -4.88 0.40
C LEU A 368 -3.30 -3.51 -0.24
N VAL A 369 -2.18 -3.23 -0.89
CA VAL A 369 -1.97 -1.97 -1.61
C VAL A 369 -1.48 -2.32 -3.02
N VAL A 370 -2.09 -1.70 -4.03
CA VAL A 370 -1.71 -1.87 -5.42
C VAL A 370 -1.39 -0.50 -5.98
N VAL A 371 -0.15 -0.31 -6.44
CA VAL A 371 0.32 0.94 -7.02
C VAL A 371 0.78 0.67 -8.45
N ILE A 372 0.24 1.40 -9.41
CA ILE A 372 0.57 1.24 -10.82
C ILE A 372 1.04 2.59 -11.37
N ASN A 373 2.34 2.68 -11.66
CA ASN A 373 2.99 3.95 -11.97
C ASN A 373 2.92 4.22 -13.47
N ASP A 374 2.28 5.32 -13.85
CA ASP A 374 2.23 5.80 -15.23
C ASP A 374 1.55 4.81 -16.17
N PRO A 375 0.26 4.51 -15.98
CA PRO A 375 -0.45 3.68 -16.96
C PRO A 375 -0.77 4.50 -18.21
N GLN A 376 -0.55 3.89 -19.38
CA GLN A 376 -0.76 4.59 -20.65
C GLN A 376 -1.27 3.57 -21.68
N ALA A 377 -2.57 3.29 -21.64
CA ALA A 377 -3.17 2.27 -22.52
C ALA A 377 -4.73 2.41 -22.61
N GLY A 378 -5.22 3.53 -22.32
CA GLY A 378 -6.66 3.71 -22.46
C GLY A 378 -7.31 4.26 -21.21
N LYS A 379 -6.87 3.77 -20.05
CA LYS A 379 -7.37 4.27 -18.78
C LYS A 379 -6.17 4.60 -17.90
N TYR A 380 -6.39 5.55 -16.98
CA TYR A 380 -5.32 6.04 -16.13
C TYR A 380 -5.69 6.11 -14.66
N TYR A 381 -6.94 5.87 -14.29
CA TYR A 381 -7.39 6.02 -12.91
C TYR A 381 -7.50 4.68 -12.20
N GLY A 382 -7.33 4.70 -10.88
CA GLY A 382 -7.25 3.47 -10.12
C GLY A 382 -8.48 2.59 -10.25
N GLY A 383 -9.66 3.20 -10.37
CA GLY A 383 -10.88 2.42 -10.39
C GLY A 383 -10.95 1.44 -11.54
N ALA A 384 -10.29 1.74 -12.64
CA ALA A 384 -10.27 0.87 -13.81
C ALA A 384 -8.92 0.20 -14.02
N VAL A 385 -7.84 0.75 -13.46
CA VAL A 385 -6.49 0.23 -13.68
C VAL A 385 -6.04 -0.69 -12.55
N SER A 386 -6.20 -0.26 -11.29
CA SER A 386 -5.71 -1.04 -10.16
C SER A 386 -6.81 -1.77 -9.40
N ALA A 387 -8.06 -1.34 -9.51
CA ALA A 387 -9.13 -2.03 -8.80
C ALA A 387 -9.28 -3.49 -9.23
N PRO A 388 -9.30 -3.84 -10.52
CA PRO A 388 -9.42 -5.25 -10.88
C PRO A 388 -8.22 -6.08 -10.45
N VAL A 389 -7.04 -5.47 -10.37
CA VAL A 389 -5.87 -6.18 -9.84
C VAL A 389 -6.08 -6.49 -8.36
N PHE A 390 -6.66 -5.55 -7.61
CA PHE A 390 -6.93 -5.78 -6.20
C PHE A 390 -7.78 -7.02 -5.99
N GLY A 391 -8.88 -7.13 -6.73
CA GLY A 391 -9.75 -8.27 -6.58
C GLY A 391 -9.11 -9.58 -7.00
N ALA A 392 -8.23 -9.53 -8.00
CA ALA A 392 -7.53 -10.74 -8.43
C ALA A 392 -6.56 -11.21 -7.37
N ILE A 393 -5.72 -10.30 -6.87
CA ILE A 393 -4.79 -10.65 -5.80
C ILE A 393 -5.54 -11.06 -4.54
N MET A 394 -6.41 -10.17 -4.03
CA MET A 394 -7.10 -10.47 -2.78
C MET A 394 -8.01 -11.69 -2.92
N GLY A 395 -8.63 -11.88 -4.08
CA GLY A 395 -9.38 -13.10 -4.30
C GLY A 395 -8.52 -14.34 -4.18
N GLY A 396 -7.32 -14.29 -4.77
CA GLY A 396 -6.38 -15.39 -4.61
C GLY A 396 -5.88 -15.53 -3.20
N VAL A 397 -5.71 -14.42 -2.48
CA VAL A 397 -5.20 -14.47 -1.12
C VAL A 397 -6.22 -15.09 -0.18
N LEU A 398 -7.47 -14.62 -0.27
CA LEU A 398 -8.51 -15.11 0.63
C LEU A 398 -8.75 -16.59 0.44
N ARG A 399 -8.66 -17.07 -0.80
CA ARG A 399 -8.96 -18.48 -1.06
C ARG A 399 -7.77 -19.38 -0.79
N THR A 400 -6.55 -18.89 -1.03
CA THR A 400 -5.36 -19.65 -0.65
C THR A 400 -5.29 -19.81 0.86
N MET A 401 -5.65 -18.76 1.59
CA MET A 401 -5.59 -18.78 3.05
C MET A 401 -6.87 -19.33 3.68
N ASN A 402 -7.78 -19.89 2.89
CA ASN A 402 -8.95 -20.60 3.40
C ASN A 402 -9.80 -19.72 4.31
N ILE A 403 -10.03 -18.48 3.89
CA ILE A 403 -10.88 -17.58 4.66
C ILE A 403 -12.34 -17.89 4.33
N GLU A 404 -13.14 -18.07 5.38
CA GLU A 404 -14.55 -18.43 5.20
C GLU A 404 -15.25 -17.37 4.35
N PRO A 405 -16.03 -17.76 3.35
CA PRO A 405 -16.77 -16.75 2.58
C PRO A 405 -17.62 -15.86 3.49
N ASP A 406 -17.75 -14.61 3.07
CA ASP A 406 -18.29 -13.55 3.89
C ASP A 406 -19.66 -13.08 3.43
N ALA A 407 -19.80 -12.79 2.14
CA ALA A 407 -21.01 -12.17 1.63
C ALA A 407 -21.84 -13.16 0.82
N LEU A 408 -23.16 -13.11 1.03
CA LEU A 408 -24.09 -13.83 0.16
C LEU A 408 -24.10 -13.20 -1.23
N THR A 409 -23.48 -13.87 -2.21
CA THR A 409 -23.42 -13.35 -3.57
C THR A 409 -23.73 -14.46 -4.58
C10 VL5 B . -11.80 9.97 -13.28
C10 VL5 B . -12.11 9.75 -13.47
C11 VL5 B . -11.30 11.12 -13.89
C11 VL5 B . -11.59 10.94 -13.99
C12 VL5 B . -10.19 11.78 -13.36
C12 VL5 B . -10.53 11.65 -13.39
C13 VL5 B . -9.57 11.31 -12.21
C13 VL5 B . -9.93 11.17 -12.23
C14 VL5 B . -10.07 10.16 -11.60
C14 VL5 B . -10.44 9.97 -11.71
C15 VL5 B . -11.19 9.50 -12.13
C15 VL5 B . -11.50 9.27 -12.31
C17 VL5 B . -8.12 13.32 -12.03
C17 VL5 B . -8.41 13.19 -11.82
C18 VL5 B . -6.82 13.73 -11.33
C18 VL5 B . -7.06 13.51 -11.13
C19 VL5 B . -6.21 15.00 -11.92
C19 VL5 B . -6.25 14.62 -11.83
C2 VL5 B . -15.80 9.45 -15.76
C2 VL5 B . -15.11 6.21 -14.34
C24 VL5 B . -5.98 13.91 -7.94
C24 VL5 B . -6.07 13.85 -7.77
C25 VL5 B . -4.72 14.06 -7.20
C25 VL5 B . -4.78 14.04 -7.06
C27 VL5 B . -2.46 14.31 -7.00
C27 VL5 B . -2.51 14.36 -6.93
C3 VL5 B . -14.41 8.82 -15.83
C3 VL5 B . -15.38 7.66 -13.96
C30 VL5 B . -4.65 14.09 -5.81
C30 VL5 B . -4.66 14.06 -5.67
C31 VL5 B . -7.22 13.69 -7.23
C31 VL5 B . -7.29 13.57 -7.05
C34 VL5 B . -8.92 12.11 -6.50
C34 VL5 B . -9.09 11.96 -6.59
C35 VL5 B . -10.12 11.60 -7.28
C35 VL5 B . -10.23 11.30 -7.38
C36 VL5 B . -11.39 11.64 -6.44
C36 VL5 B . -11.51 11.29 -6.58
C37 VL5 B . -10.31 12.52 -8.48
C37 VL5 B . -10.48 12.27 -8.52
C39 VL5 B . -8.40 11.08 -5.53
C39 VL5 B . -8.46 11.03 -5.57
C4 VL5 B . -14.02 8.71 -17.29
C4 VL5 B . -16.56 7.78 -12.99
C5 VL5 B . -14.99 7.73 -17.89
C5 VL5 B . -17.75 6.91 -13.40
C6 VL5 B . -16.43 8.25 -17.73
C6 VL5 B . -17.31 5.49 -13.75
C8 VL5 B . -13.01 9.29 -13.86
C8 VL5 B . -13.27 9.04 -14.15
N1 VL5 B . -16.76 8.52 -16.33
N1 VL5 B . -16.29 5.50 -14.82
N23 VL5 B . -5.96 13.98 -9.19
N23 VL5 B . -6.11 13.92 -9.02
N26 VL5 B . -3.51 14.18 -7.85
N26 VL5 B . -3.59 14.20 -7.74
N28 VL5 B . -1.07 14.43 -7.39
N28 VL5 B . -1.13 14.55 -7.34
N33 VL5 B . -7.92 12.59 -7.44
N33 VL5 B . -8.15 12.65 -7.48
N38 VL5 B . -9.91 10.21 -7.72
N38 VL5 B . -9.90 9.92 -7.93
N7 VL5 B . -13.42 9.60 -15.10
N7 VL5 B . -14.18 8.33 -13.41
N9 VL5 B . -13.66 8.45 -13.16
N9 VL5 B . -13.38 9.15 -15.42
O16 VL5 B . -8.47 11.97 -11.69
O16 VL5 B . -8.86 11.83 -11.60
O20 VL5 B . -5.16 15.47 -11.43
O20 VL5 B . -5.04 14.83 -11.51
O21 VL5 B . -6.78 15.55 -12.90
O21 VL5 B . -6.80 15.32 -12.71
O22 VL5 B . -6.99 13.86 -9.91
O22 VL5 B . -7.17 13.76 -9.70
O32 VL5 B . -7.60 14.55 -6.45
O32 VL5 B . -7.51 14.22 -6.06
O40 VL5 B . -7.29 10.59 -5.63
O40 VL5 B . -7.32 10.62 -5.65
O41 VL5 B . -10.28 9.26 -6.80
O41 VL5 B . -10.47 8.78 -7.39
O43 VL5 B . -9.47 7.31 -8.13
O43 VL5 B . -11.90 7.63 -9.15
O44 VL5 B . -11.90 7.78 -8.02
O44 VL5 B . -9.56 6.91 -8.95
O45 VL5 B . -10.81 6.97 -6.07
O45 VL5 B . -11.31 6.41 -7.27
S29 VL5 B . -2.97 14.28 -5.38
S29 VL5 B . -2.97 14.30 -5.29
S42 VL5 B . -10.60 7.82 -7.28
S42 VL5 B . -10.76 7.45 -8.19
O19 12P C . 35.71 -21.25 -1.79
C18 12P C . 35.32 -21.52 -0.45
C17 12P C . 33.92 -21.04 -0.24
O16 12P C . 33.45 -21.41 1.05
C15 12P C . 32.07 -21.12 1.21
C14 12P C . 31.88 -19.66 1.15
O13 12P C . 32.09 -19.12 2.45
C12 12P C . 32.49 -17.76 2.45
C11 12P C . 33.81 -17.64 1.78
O10 12P C . 34.47 -16.45 2.18
C9 12P C . 35.68 -16.24 1.47
C8 12P C . 36.41 -17.54 1.36
O7 12P C . 37.55 -17.40 0.51
C6 12P C . 38.28 -18.61 0.37
C5 12P C . 39.51 -18.34 -0.43
O4 12P C . 40.40 -19.45 -0.34
C3 12P C . 41.72 -19.12 -0.74
C2 12P C . 42.67 -20.20 -0.31
O1 12P C . 44.02 -19.81 -0.44
O37 12P D . 0.46 21.29 2.56
C36 12P D . 0.29 21.65 1.20
C35 12P D . -0.84 20.85 0.60
O34 12P D . -1.09 21.28 -0.73
C33 12P D . 0.06 21.29 -1.57
C32 12P D . -0.36 21.42 -3.01
O31 12P D . -1.17 22.58 -3.17
C30 12P D . -2.34 22.35 -3.95
C29 12P D . -2.03 22.33 -5.41
O28 12P D . -3.18 21.86 -6.12
C27 12P D . -3.12 22.10 -7.52
C26 12P D . -4.33 21.48 -8.18
O25 12P D . -5.41 21.43 -7.25
C24 12P D . -6.65 21.11 -7.86
C23 12P D . -7.66 20.76 -6.80
O22 12P D . -8.99 20.86 -7.31
C21 12P D . -9.64 19.61 -7.50
C20 12P D . -9.14 18.96 -8.76
O19 12P D . -10.09 17.99 -9.21
C18 12P D . -9.78 17.48 -10.50
C17 12P D . -10.99 16.80 -11.09
O16 12P D . -10.71 16.43 -12.43
C15 12P D . -11.80 15.79 -13.09
C14 12P D . -11.37 15.33 -14.45
O13 12P D . -12.41 14.60 -15.09
C12 12P D . -12.02 14.05 -16.35
#